data_7EOF
#
_entry.id   7EOF
#
_cell.length_a   74.028
_cell.length_b   74.795
_cell.length_c   103.618
_cell.angle_alpha   90.000
_cell.angle_beta   90.000
_cell.angle_gamma   90.000
#
_symmetry.space_group_name_H-M   'P 21 21 21'
#
loop_
_entity.id
_entity.type
_entity.pdbx_description
1 polymer "DNA (5'-D(*GP*AP*TP*CP*TP*AP*CP*TP*AP*GP*TP*GP*AP*TP*CP*T)-3')"
2 polymer "DNA (5'-D(*CP*AP*GP*AP*TP*CP*AP*CP*TP*AP*GP*TP*AP*GP*AP*T)-3')"
3 polymer 'Coiled-coil domain-containing protein 25'
#
loop_
_entity_poly.entity_id
_entity_poly.type
_entity_poly.pdbx_seq_one_letter_code
_entity_poly.pdbx_strand_id
1 'polydeoxyribonucleotide' (DG)(DA)(DT)(DC)(DT)(DA)(DC)(DT)(DA)(DG)(DT)(DG)(DA)(DT)(DC)(DT) C
2 'polydeoxyribonucleotide' (DC)(DA)(DG)(DA)(DT)(DC)(DA)(DC)(DT)(DA)(DG)(DT)(DA)(DG)(DA)(DT) D
3 'polypeptide(L)'
;MGSSHHHHHHSSGMVFYFTSSSVNSSAYTIYMGKDKYENEDLIKHGWPEDIWFHVDKLSSAHVYLRLHKGENIEDIPKEV
LMDCAHLVKANSIQGCKMNNVNVVYTPWSNLKKTADMDVGQIGFHRQKDVKIVTVEKKVNEILNRLEKTKVERFPDLAAE
KECRDREERNEKKAQIQEMKKREKEEMKKKREMDELRSYSSLMK
;
B,A
#
# COMPACT_ATOMS: atom_id res chain seq x y z
N MET C 14 -8.11 -9.53 -12.81
CA MET C 14 -8.26 -9.72 -11.38
C MET C 14 -7.03 -10.36 -10.72
N VAL C 15 -6.58 -9.75 -9.64
CA VAL C 15 -5.37 -10.17 -8.92
C VAL C 15 -5.72 -10.35 -7.44
N PHE C 16 -5.03 -11.30 -6.80
CA PHE C 16 -5.19 -11.51 -5.36
C PHE C 16 -4.14 -10.71 -4.59
N TYR C 17 -4.56 -10.17 -3.44
CA TYR C 17 -3.68 -9.35 -2.61
C TYR C 17 -3.75 -9.80 -1.16
N PHE C 18 -2.58 -9.84 -0.51
CA PHE C 18 -2.43 -10.24 0.87
C PHE C 18 -1.44 -9.31 1.54
N THR C 19 -1.42 -9.36 2.88
CA THR C 19 -0.48 -8.56 3.66
C THR C 19 0.20 -9.46 4.68
N SER C 20 1.52 -9.32 4.81
CA SER C 20 2.32 -10.07 5.76
C SER C 20 3.03 -9.07 6.68
N SER C 21 2.64 -9.06 7.95
CA SER C 21 3.32 -8.26 8.95
C SER C 21 4.54 -9.01 9.47
N SER C 22 5.59 -8.25 9.81
CA SER C 22 6.81 -8.81 10.39
C SER C 22 7.00 -8.26 11.80
N VAL C 23 8.06 -8.75 12.47
CA VAL C 23 8.40 -8.25 13.79
C VAL C 23 9.02 -6.87 13.75
N ASN C 24 9.44 -6.41 12.56
CA ASN C 24 9.97 -5.07 12.35
C ASN C 24 8.89 -3.99 12.41
N SER C 25 7.63 -4.38 12.59
CA SER C 25 6.49 -3.46 12.54
C SER C 25 6.34 -2.84 11.15
N SER C 26 6.79 -3.57 10.14
CA SER C 26 6.64 -3.18 8.74
C SER C 26 5.86 -4.26 8.00
N ALA C 27 4.86 -3.85 7.25
CA ALA C 27 4.01 -4.79 6.52
C ALA C 27 4.42 -4.86 5.06
N TYR C 28 4.27 -6.04 4.48
CA TYR C 28 4.62 -6.30 3.09
C TYR C 28 3.38 -6.73 2.32
N THR C 29 3.29 -6.27 1.07
CA THR C 29 2.19 -6.66 0.20
C THR C 29 2.60 -7.86 -0.64
N ILE C 30 1.69 -8.83 -0.77
CA ILE C 30 1.94 -10.05 -1.53
C ILE C 30 0.79 -10.23 -2.50
N TYR C 31 1.05 -10.13 -3.81
CA TYR C 31 0.00 -10.31 -4.80
C TYR C 31 0.24 -11.57 -5.61
N MET C 32 -0.83 -12.31 -5.88
CA MET C 32 -0.76 -13.59 -6.57
C MET C 32 -1.80 -13.64 -7.68
N GLY C 33 -1.34 -13.94 -8.90
CA GLY C 33 -2.21 -14.54 -9.91
C GLY C 33 -2.08 -16.05 -9.93
N LYS C 34 -3.20 -16.73 -10.19
CA LYS C 34 -3.19 -18.15 -10.52
C LYS C 34 -3.40 -18.42 -12.01
N ASP C 35 -3.63 -17.40 -12.81
CA ASP C 35 -4.06 -17.56 -14.19
C ASP C 35 -2.89 -17.30 -15.14
N LYS C 36 -2.74 -18.17 -16.13
CA LYS C 36 -1.61 -18.07 -17.07
C LYS C 36 -1.58 -16.71 -17.77
N TYR C 37 -2.74 -16.26 -18.25
CA TYR C 37 -2.81 -14.94 -18.86
C TYR C 37 -2.57 -13.85 -17.82
N GLU C 38 -3.25 -13.94 -16.67
CA GLU C 38 -3.00 -12.99 -15.59
C GLU C 38 -1.54 -13.03 -15.16
N ASN C 39 -0.92 -14.21 -15.16
CA ASN C 39 0.50 -14.30 -14.87
C ASN C 39 1.33 -13.57 -15.92
N GLU C 40 0.88 -13.59 -17.17
CA GLU C 40 1.56 -12.80 -18.19
C GLU C 40 1.46 -11.31 -17.90
N ASP C 41 0.26 -10.85 -17.51
CA ASP C 41 0.11 -9.42 -17.22
C ASP C 41 0.89 -9.01 -15.98
N LEU C 42 1.03 -9.90 -15.00
CA LEU C 42 1.86 -9.57 -13.84
C LEU C 42 3.34 -9.60 -14.20
N ILE C 43 3.75 -10.50 -15.09
CA ILE C 43 5.13 -10.51 -15.56
C ILE C 43 5.45 -9.23 -16.31
N LYS C 44 4.50 -8.73 -17.11
CA LYS C 44 4.73 -7.52 -17.88
C LYS C 44 5.01 -6.33 -16.98
N HIS C 45 4.09 -6.04 -16.06
CA HIS C 45 4.04 -4.78 -15.33
C HIS C 45 4.67 -4.84 -13.94
N GLY C 46 5.33 -5.93 -13.59
CA GLY C 46 5.96 -6.00 -12.27
C GLY C 46 6.92 -4.86 -12.02
N TRP C 47 7.09 -4.51 -10.74
CA TRP C 47 7.96 -3.44 -10.28
C TRP C 47 9.36 -3.96 -9.96
N PRO C 48 10.36 -3.07 -9.96
CA PRO C 48 11.70 -3.49 -9.52
C PRO C 48 11.77 -3.94 -8.08
N GLU C 49 10.82 -3.53 -7.23
CA GLU C 49 10.82 -3.92 -5.84
C GLU C 49 10.16 -5.27 -5.60
N ASP C 50 9.69 -5.95 -6.65
CA ASP C 50 8.93 -7.18 -6.51
C ASP C 50 9.82 -8.42 -6.63
N ILE C 51 9.50 -9.43 -5.85
CA ILE C 51 10.21 -10.70 -5.80
C ILE C 51 9.27 -11.79 -6.27
N TRP C 52 9.71 -12.59 -7.22
CA TRP C 52 8.91 -13.61 -7.87
C TRP C 52 9.16 -14.96 -7.22
N PHE C 53 8.07 -15.65 -6.86
CA PHE C 53 8.07 -16.90 -6.15
C PHE C 53 7.27 -17.92 -6.94
N HIS C 54 7.84 -19.10 -7.13
CA HIS C 54 7.19 -20.20 -7.82
C HIS C 54 7.73 -21.49 -7.23
N VAL C 55 6.90 -22.54 -7.23
CA VAL C 55 7.41 -23.86 -6.87
C VAL C 55 8.38 -24.31 -7.96
N ASP C 56 9.40 -25.07 -7.55
CA ASP C 56 10.55 -25.31 -8.41
C ASP C 56 10.23 -26.26 -9.57
N LYS C 57 10.01 -27.53 -9.27
CA LYS C 57 9.83 -28.52 -10.32
C LYS C 57 8.41 -28.58 -10.87
N LEU C 58 7.42 -28.10 -10.12
CA LEU C 58 6.03 -28.37 -10.41
C LEU C 58 5.32 -27.09 -10.86
N SER C 59 4.04 -27.25 -11.19
CA SER C 59 3.20 -26.11 -11.54
C SER C 59 2.67 -25.46 -10.27
N SER C 60 2.66 -24.13 -10.27
CA SER C 60 2.15 -23.38 -9.12
C SER C 60 1.74 -22.01 -9.60
N ALA C 61 0.92 -21.35 -8.79
CA ALA C 61 0.62 -19.96 -9.05
C ALA C 61 1.89 -19.12 -8.93
N HIS C 62 1.87 -17.96 -9.56
CA HIS C 62 2.97 -17.00 -9.46
C HIS C 62 2.69 -16.06 -8.29
N VAL C 63 3.57 -16.07 -7.29
CA VAL C 63 3.38 -15.28 -6.08
C VAL C 63 4.44 -14.19 -6.02
N TYR C 64 4.02 -12.95 -5.80
CA TYR C 64 4.94 -11.82 -5.77
C TYR C 64 4.94 -11.17 -4.40
N LEU C 65 6.14 -10.87 -3.91
CA LEU C 65 6.34 -10.12 -2.68
C LEU C 65 6.87 -8.74 -3.03
N ARG C 66 6.19 -7.69 -2.59
CA ARG C 66 6.59 -6.33 -2.95
C ARG C 66 7.37 -5.74 -1.79
N LEU C 67 8.67 -5.61 -1.98
CA LEU C 67 9.58 -5.02 -1.00
C LEU C 67 9.41 -3.51 -0.95
N HIS C 68 9.88 -2.91 0.13
CA HIS C 68 9.89 -1.46 0.21
C HIS C 68 10.95 -0.90 -0.74
N LYS C 69 10.98 0.42 -0.84
CA LYS C 69 11.92 1.07 -1.74
C LYS C 69 13.34 0.91 -1.23
N GLY C 70 14.25 0.60 -2.15
CA GLY C 70 15.64 0.40 -1.80
C GLY C 70 15.92 -0.85 -0.99
N GLU C 71 14.89 -1.62 -0.64
CA GLU C 71 15.11 -2.85 0.09
C GLU C 71 15.66 -3.91 -0.85
N ASN C 72 16.59 -4.72 -0.35
CA ASN C 72 17.29 -5.70 -1.15
C ASN C 72 16.74 -7.10 -0.87
N ILE C 73 16.79 -7.96 -1.90
CA ILE C 73 16.26 -9.31 -1.76
C ILE C 73 16.91 -10.05 -0.60
N GLU C 74 18.18 -9.76 -0.32
CA GLU C 74 18.86 -10.42 0.79
C GLU C 74 18.31 -10.00 2.14
N ASP C 75 17.65 -8.85 2.22
CA ASP C 75 17.16 -8.30 3.47
C ASP C 75 15.75 -8.74 3.81
N ILE C 76 15.14 -9.60 3.02
CA ILE C 76 13.79 -10.09 3.29
C ILE C 76 13.78 -10.83 4.61
N PRO C 77 12.96 -10.43 5.58
CA PRO C 77 12.87 -11.19 6.83
C PRO C 77 12.43 -12.62 6.57
N LYS C 78 12.94 -13.54 7.40
CA LYS C 78 12.69 -14.96 7.18
C LYS C 78 11.20 -15.28 7.25
N GLU C 79 10.46 -14.64 8.18
CA GLU C 79 9.05 -15.00 8.35
C GLU C 79 8.21 -14.62 7.13
N VAL C 80 8.50 -13.47 6.52
CA VAL C 80 7.76 -13.06 5.32
C VAL C 80 8.12 -13.95 4.14
N LEU C 81 9.40 -14.32 4.04
CA LEU C 81 9.82 -15.27 3.02
C LEU C 81 9.05 -16.57 3.15
N MET C 82 9.04 -17.16 4.35
CA MET C 82 8.30 -18.39 4.56
C MET C 82 6.80 -18.20 4.36
N ASP C 83 6.29 -16.99 4.57
CA ASP C 83 4.89 -16.74 4.24
C ASP C 83 4.66 -16.86 2.73
N CYS C 84 5.51 -16.22 1.94
CA CYS C 84 5.38 -16.32 0.49
C CYS C 84 5.57 -17.76 0.01
N ALA C 85 6.51 -18.48 0.59
CA ALA C 85 6.76 -19.86 0.17
C ALA C 85 5.61 -20.77 0.56
N HIS C 86 5.03 -20.55 1.74
CA HIS C 86 3.83 -21.28 2.13
C HIS C 86 2.67 -20.97 1.20
N LEU C 87 2.57 -19.71 0.76
CA LEU C 87 1.48 -19.31 -0.13
C LEU C 87 1.62 -19.98 -1.49
N VAL C 88 2.82 -19.92 -2.09
CA VAL C 88 3.01 -20.51 -3.41
C VAL C 88 2.97 -22.04 -3.34
N LYS C 89 3.33 -22.62 -2.19
CA LYS C 89 3.22 -24.07 -2.05
C LYS C 89 1.77 -24.50 -1.94
N ALA C 90 0.97 -23.78 -1.14
CA ALA C 90 -0.43 -24.13 -1.00
C ALA C 90 -1.17 -23.99 -2.32
N ASN C 91 -0.76 -23.07 -3.17
CA ASN C 91 -1.39 -22.85 -4.46
C ASN C 91 -0.71 -23.60 -5.59
N SER C 92 0.26 -24.46 -5.28
CA SER C 92 0.78 -25.39 -6.26
C SER C 92 -0.15 -26.59 -6.38
N ILE C 93 -0.53 -26.93 -7.62
CA ILE C 93 -1.48 -28.01 -7.85
C ILE C 93 -0.98 -29.30 -7.21
N GLN C 94 0.22 -29.73 -7.58
CA GLN C 94 0.82 -30.90 -6.94
C GLN C 94 1.48 -30.56 -5.61
N GLY C 95 1.96 -29.33 -5.45
CA GLY C 95 2.83 -29.01 -4.33
C GLY C 95 2.14 -29.04 -2.98
N CYS C 96 0.84 -28.78 -2.94
CA CYS C 96 0.12 -28.79 -1.67
C CYS C 96 0.04 -30.19 -1.06
N LYS C 97 0.46 -31.23 -1.80
CA LYS C 97 0.53 -32.58 -1.27
C LYS C 97 1.91 -32.89 -0.71
N MET C 98 2.93 -32.84 -1.56
CA MET C 98 4.30 -33.14 -1.17
C MET C 98 4.74 -32.28 0.02
N ASN C 99 5.35 -32.92 1.02
CA ASN C 99 5.63 -32.27 2.29
C ASN C 99 6.99 -31.58 2.36
N ASN C 100 7.91 -31.84 1.43
CA ASN C 100 9.15 -31.09 1.34
C ASN C 100 9.27 -30.60 -0.09
N VAL C 101 9.16 -29.29 -0.28
CA VAL C 101 9.11 -28.74 -1.63
C VAL C 101 9.98 -27.51 -1.72
N ASN C 102 10.63 -27.34 -2.86
CA ASN C 102 11.55 -26.24 -3.09
C ASN C 102 10.82 -25.11 -3.80
N VAL C 103 10.95 -23.91 -3.25
CA VAL C 103 10.38 -22.70 -3.82
C VAL C 103 11.53 -21.86 -4.36
N VAL C 104 11.51 -21.59 -5.65
CA VAL C 104 12.47 -20.70 -6.28
C VAL C 104 11.91 -19.29 -6.29
N TYR C 105 12.73 -18.33 -5.92
CA TYR C 105 12.35 -16.93 -5.96
C TYR C 105 13.53 -16.12 -6.48
N THR C 106 13.22 -15.16 -7.34
CA THR C 106 14.22 -14.28 -7.91
C THR C 106 13.57 -12.92 -8.14
N PRO C 107 14.34 -11.84 -8.11
CA PRO C 107 13.74 -10.52 -8.34
C PRO C 107 13.02 -10.47 -9.69
N TRP C 108 11.94 -9.71 -9.73
CA TRP C 108 11.22 -9.51 -10.98
C TRP C 108 12.15 -8.99 -12.07
N SER C 109 13.16 -8.19 -11.70
CA SER C 109 14.13 -7.70 -12.67
C SER C 109 14.90 -8.83 -13.33
N ASN C 110 14.88 -10.03 -12.76
CA ASN C 110 15.60 -11.18 -13.29
C ASN C 110 14.74 -12.05 -14.20
N LEU C 111 13.45 -11.77 -14.33
CA LEU C 111 12.57 -12.58 -15.15
C LEU C 111 12.78 -12.25 -16.62
N LYS C 112 13.10 -13.26 -17.42
CA LYS C 112 13.38 -13.09 -18.83
C LYS C 112 12.32 -13.82 -19.64
N LYS C 113 11.58 -13.07 -20.46
CA LYS C 113 10.53 -13.64 -21.30
C LYS C 113 11.05 -13.74 -22.73
N THR C 114 11.34 -14.96 -23.16
CA THR C 114 11.68 -15.21 -24.55
C THR C 114 10.42 -15.56 -25.33
N ALA C 115 10.39 -15.14 -26.59
CA ALA C 115 9.20 -15.36 -27.41
C ALA C 115 8.93 -16.83 -27.68
N ASP C 116 9.90 -17.71 -27.42
CA ASP C 116 9.64 -19.15 -27.49
C ASP C 116 8.78 -19.64 -26.34
N MET C 117 8.49 -18.79 -25.37
CA MET C 117 7.81 -19.19 -24.14
C MET C 117 6.30 -19.10 -24.35
N ASP C 118 5.63 -20.23 -24.20
CA ASP C 118 4.17 -20.22 -24.20
C ASP C 118 3.67 -19.33 -23.07
N VAL C 119 2.51 -18.70 -23.30
CA VAL C 119 2.03 -17.65 -22.42
C VAL C 119 1.98 -18.15 -20.98
N GLY C 120 2.62 -17.40 -20.08
CA GLY C 120 2.63 -17.72 -18.67
C GLY C 120 3.86 -18.45 -18.17
N GLN C 121 4.82 -18.75 -19.04
CA GLN C 121 6.06 -19.40 -18.64
C GLN C 121 7.22 -18.43 -18.82
N ILE C 122 8.17 -18.49 -17.90
CA ILE C 122 9.17 -17.43 -17.76
C ILE C 122 10.55 -18.04 -17.54
N GLY C 123 11.58 -17.31 -17.98
CA GLY C 123 12.96 -17.68 -17.76
C GLY C 123 13.66 -16.78 -16.77
N PHE C 124 14.98 -16.74 -16.87
CA PHE C 124 15.81 -15.96 -15.96
C PHE C 124 16.97 -15.32 -16.70
N HIS C 125 17.22 -14.05 -16.39
CA HIS C 125 18.38 -13.36 -16.96
C HIS C 125 19.68 -13.92 -16.39
N ARG C 126 19.74 -14.05 -15.06
CA ARG C 126 20.96 -14.41 -14.36
C ARG C 126 20.66 -15.58 -13.46
N GLN C 127 21.37 -16.70 -13.68
CA GLN C 127 21.18 -17.88 -12.85
C GLN C 127 21.69 -17.66 -11.43
N LYS C 128 22.68 -16.77 -11.26
CA LYS C 128 23.19 -16.47 -9.93
C LYS C 128 22.12 -15.81 -9.06
N ASP C 129 21.22 -15.04 -9.66
CA ASP C 129 20.22 -14.29 -8.92
C ASP C 129 19.02 -15.12 -8.51
N VAL C 130 18.97 -16.40 -8.86
CA VAL C 130 17.87 -17.27 -8.47
C VAL C 130 18.19 -17.89 -7.12
N LYS C 131 17.29 -17.71 -6.16
CA LYS C 131 17.45 -18.26 -4.83
C LYS C 131 16.38 -19.32 -4.59
N ILE C 132 16.67 -20.23 -3.66
CA ILE C 132 15.80 -21.37 -3.41
C ILE C 132 15.63 -21.54 -1.90
N VAL C 133 14.41 -21.85 -1.49
CA VAL C 133 14.09 -22.09 -0.08
C VAL C 133 13.14 -23.27 -0.01
N THR C 134 13.47 -24.25 0.82
CA THR C 134 12.65 -25.44 0.96
C THR C 134 11.66 -25.26 2.10
N VAL C 135 10.40 -25.58 1.83
CA VAL C 135 9.36 -25.59 2.85
C VAL C 135 9.08 -27.04 3.24
N GLU C 136 9.13 -27.30 4.54
CA GLU C 136 8.80 -28.61 5.10
C GLU C 136 7.34 -28.60 5.54
N LYS C 137 6.63 -29.69 5.21
CA LYS C 137 5.24 -29.90 5.61
C LYS C 137 4.36 -28.71 5.25
N LYS C 138 3.42 -28.39 6.13
CA LYS C 138 2.39 -27.40 5.86
C LYS C 138 1.97 -26.79 7.19
N VAL C 139 1.64 -25.50 7.18
CA VAL C 139 1.23 -24.80 8.39
C VAL C 139 -0.12 -24.17 8.13
N ASN C 140 -1.15 -24.62 8.85
CA ASN C 140 -2.48 -24.05 8.68
C ASN C 140 -2.59 -22.67 9.31
N GLU C 141 -1.82 -22.39 10.36
CA GLU C 141 -1.93 -21.10 11.03
C GLU C 141 -1.47 -19.97 10.12
N ILE C 142 -0.33 -20.15 9.44
CA ILE C 142 0.15 -19.14 8.51
C ILE C 142 -0.88 -18.88 7.42
N LEU C 143 -1.40 -19.95 6.82
CA LEU C 143 -2.38 -19.81 5.75
C LEU C 143 -3.64 -19.12 6.25
N ASN C 144 -4.05 -19.38 7.49
CA ASN C 144 -5.21 -18.68 8.06
C ASN C 144 -4.92 -17.19 8.20
N ARG C 145 -3.77 -16.85 8.78
CA ARG C 145 -3.43 -15.43 8.95
C ARG C 145 -3.40 -14.71 7.61
N LEU C 146 -2.78 -15.32 6.60
CA LEU C 146 -2.75 -14.70 5.28
C LEU C 146 -4.14 -14.60 4.67
N GLU C 147 -4.99 -15.61 4.92
CA GLU C 147 -6.34 -15.59 4.37
C GLU C 147 -7.21 -14.52 5.00
N LYS C 148 -6.92 -14.14 6.26
CA LYS C 148 -7.65 -13.02 6.85
C LYS C 148 -7.43 -11.74 6.08
N THR C 149 -6.25 -11.57 5.48
CA THR C 149 -5.91 -10.36 4.74
C THR C 149 -6.17 -10.46 3.25
N LYS C 150 -6.72 -11.57 2.78
CA LYS C 150 -6.92 -11.79 1.35
C LYS C 150 -8.01 -10.85 0.82
N VAL C 151 -7.67 -10.08 -0.21
CA VAL C 151 -8.63 -9.20 -0.88
C VAL C 151 -8.41 -9.31 -2.38
N GLU C 152 -9.50 -9.15 -3.13
CA GLU C 152 -9.48 -9.25 -4.58
C GLU C 152 -9.47 -7.85 -5.19
N ARG C 153 -8.71 -7.69 -6.28
CA ARG C 153 -8.65 -6.39 -6.92
C ARG C 153 -8.69 -6.55 -8.43
N PHE C 154 -9.04 -5.46 -9.11
CA PHE C 154 -9.07 -5.39 -10.57
C PHE C 154 -8.21 -4.20 -11.01
N PRO C 155 -6.91 -4.26 -10.76
CA PRO C 155 -6.06 -3.09 -10.95
C PRO C 155 -5.75 -2.83 -12.41
N ASP C 156 -5.28 -1.60 -12.66
CA ASP C 156 -4.64 -1.26 -13.92
C ASP C 156 -3.15 -1.30 -13.65
N LEU C 157 -2.49 -2.34 -14.14
CA LEU C 157 -1.11 -2.59 -13.72
C LEU C 157 -0.17 -1.56 -14.33
N ALA C 158 -0.31 -1.30 -15.63
CA ALA C 158 0.53 -0.30 -16.28
C ALA C 158 0.36 1.07 -15.64
N ALA C 159 -0.86 1.41 -15.22
CA ALA C 159 -1.08 2.71 -14.59
C ALA C 159 -0.43 2.77 -13.22
N GLU C 160 -0.55 1.70 -12.42
CA GLU C 160 0.04 1.72 -11.09
C GLU C 160 1.56 1.75 -11.16
N LYS C 161 2.15 0.99 -12.09
CA LYS C 161 3.59 1.09 -12.28
C LYS C 161 3.97 2.47 -12.82
N GLU C 162 3.12 3.06 -13.64
CA GLU C 162 3.36 4.43 -14.09
C GLU C 162 3.43 5.37 -12.89
N CYS C 163 2.53 5.22 -11.93
CA CYS C 163 2.60 6.03 -10.71
C CYS C 163 3.91 5.78 -9.96
N ARG C 164 4.30 4.50 -9.83
CA ARG C 164 5.57 4.19 -9.17
C ARG C 164 6.74 4.91 -9.84
N ASP C 165 6.82 4.80 -11.17
CA ASP C 165 7.93 5.42 -11.91
C ASP C 165 7.90 6.93 -11.78
N ARG C 166 6.70 7.52 -11.78
CA ARG C 166 6.61 8.97 -11.58
C ARG C 166 7.11 9.36 -10.20
N GLU C 167 6.80 8.58 -9.17
CA GLU C 167 7.34 8.87 -7.84
C GLU C 167 8.86 8.81 -7.84
N GLU C 168 9.43 7.77 -8.47
CA GLU C 168 10.89 7.69 -8.54
C GLU C 168 11.48 8.89 -9.26
N ARG C 169 10.85 9.31 -10.36
CA ARG C 169 11.32 10.48 -11.09
C ARG C 169 11.27 11.73 -10.21
N ASN C 170 10.16 11.93 -9.50
CA ASN C 170 10.01 13.11 -8.65
C ASN C 170 11.03 13.11 -7.53
N GLU C 171 11.30 11.95 -6.93
CA GLU C 171 12.30 11.86 -5.89
C GLU C 171 13.68 12.21 -6.43
N LYS C 172 14.02 11.73 -7.63
CA LYS C 172 15.31 12.08 -8.22
C LYS C 172 15.40 13.58 -8.49
N LYS C 173 14.34 14.19 -9.05
CA LYS C 173 14.34 15.63 -9.27
C LYS C 173 14.55 16.38 -7.95
N ALA C 174 13.84 15.98 -6.90
CA ALA C 174 14.03 16.61 -5.59
C ALA C 174 15.48 16.49 -5.14
N GLN C 175 16.07 15.32 -5.32
CA GLN C 175 17.47 15.15 -4.96
C GLN C 175 18.37 16.11 -5.73
N ILE C 176 18.08 16.32 -7.01
CA ILE C 176 18.88 17.26 -7.80
C ILE C 176 18.73 18.67 -7.26
N GLN C 177 17.49 19.08 -7.00
CA GLN C 177 17.27 20.41 -6.44
C GLN C 177 18.02 20.61 -5.14
N GLU C 178 17.99 19.60 -4.26
CA GLU C 178 18.75 19.68 -3.02
C GLU C 178 20.23 19.85 -3.31
N MET C 179 20.76 19.11 -4.27
CA MET C 179 22.18 19.23 -4.60
C MET C 179 22.51 20.65 -5.07
N LYS C 180 21.66 21.22 -5.94
CA LYS C 180 21.94 22.56 -6.46
C LYS C 180 21.83 23.61 -5.36
N LYS C 181 20.91 23.43 -4.42
CA LYS C 181 20.85 24.33 -3.27
C LYS C 181 22.13 24.24 -2.46
N ARG C 182 22.60 23.02 -2.19
CA ARG C 182 23.83 22.85 -1.45
C ARG C 182 25.01 23.50 -2.16
N GLU C 183 25.07 23.38 -3.48
CA GLU C 183 26.18 23.98 -4.22
C GLU C 183 26.12 25.51 -4.18
N LYS C 184 24.91 26.07 -4.28
CA LYS C 184 24.79 27.53 -4.20
C LYS C 184 25.20 28.04 -2.82
N GLU C 185 24.81 27.32 -1.76
CA GLU C 185 25.26 27.71 -0.42
C GLU C 185 26.77 27.60 -0.31
N GLU C 186 27.35 26.55 -0.90
CA GLU C 186 28.80 26.40 -0.95
C GLU C 186 29.46 27.64 -1.55
N MET C 187 29.12 27.96 -2.80
CA MET C 187 29.70 29.14 -3.45
C MET C 187 29.45 30.42 -2.65
N LYS C 188 28.29 30.52 -1.98
CA LYS C 188 28.02 31.71 -1.18
C LYS C 188 29.01 31.84 -0.04
N LYS C 189 29.22 30.76 0.73
CA LYS C 189 30.23 30.80 1.79
C LYS C 189 31.62 31.01 1.20
N LYS C 190 31.85 30.53 -0.02
CA LYS C 190 33.13 30.74 -0.68
C LYS C 190 33.40 32.22 -0.93
N ARG C 191 32.40 32.94 -1.47
CA ARG C 191 32.59 34.37 -1.68
C ARG C 191 32.63 35.13 -0.36
N GLU C 192 31.90 34.65 0.66
CA GLU C 192 31.92 35.33 1.96
C GLU C 192 33.21 35.08 2.74
N MET C 193 33.99 34.06 2.35
CA MET C 193 35.33 33.88 2.89
C MET C 193 36.38 34.60 2.06
N ASP C 194 35.98 35.30 1.00
CA ASP C 194 36.90 36.07 0.17
C ASP C 194 36.41 37.52 0.05
N MET D 14 6.34 16.75 -1.28
CA MET D 14 6.76 15.62 -0.45
C MET D 14 5.74 15.26 0.61
N VAL D 15 5.49 13.96 0.75
CA VAL D 15 4.49 13.42 1.66
C VAL D 15 5.16 12.38 2.55
N PHE D 16 4.85 12.41 3.84
CA PHE D 16 5.27 11.38 4.77
C PHE D 16 4.25 10.26 4.79
N TYR D 17 4.74 9.02 4.91
CA TYR D 17 3.91 7.83 4.96
C TYR D 17 4.32 6.96 6.14
N PHE D 18 3.35 6.60 6.95
CA PHE D 18 3.50 5.73 8.11
C PHE D 18 2.62 4.51 7.94
N THR D 19 2.95 3.45 8.68
CA THR D 19 2.20 2.22 8.65
C THR D 19 1.72 1.90 10.05
N SER D 20 0.42 1.65 10.18
CA SER D 20 -0.20 1.27 11.46
C SER D 20 -0.75 -0.13 11.34
N SER D 21 -0.16 -1.08 12.07
CA SER D 21 -0.67 -2.43 12.10
C SER D 21 -1.78 -2.56 13.14
N SER D 22 -2.78 -3.39 12.83
CA SER D 22 -3.91 -3.59 13.73
C SER D 22 -3.69 -4.82 14.59
N VAL D 23 -4.64 -5.08 15.49
CA VAL D 23 -4.55 -6.26 16.34
C VAL D 23 -4.91 -7.53 15.59
N ASN D 24 -5.65 -7.42 14.49
CA ASN D 24 -5.86 -8.53 13.56
C ASN D 24 -4.75 -8.63 12.53
N SER D 25 -3.71 -7.81 12.66
CA SER D 25 -2.53 -7.81 11.77
C SER D 25 -2.91 -7.38 10.36
N SER D 26 -3.82 -6.41 10.26
CA SER D 26 -4.12 -5.74 9.00
C SER D 26 -3.48 -4.36 9.03
N ALA D 27 -2.82 -3.99 7.93
CA ALA D 27 -2.03 -2.77 7.87
C ALA D 27 -2.85 -1.62 7.31
N TYR D 28 -2.60 -0.42 7.84
CA TYR D 28 -3.23 0.80 7.38
C TYR D 28 -2.16 1.84 7.05
N THR D 29 -2.36 2.55 5.95
CA THR D 29 -1.47 3.63 5.56
C THR D 29 -1.92 4.94 6.18
N ILE D 30 -0.97 5.70 6.70
CA ILE D 30 -1.24 6.99 7.33
C ILE D 30 -0.32 8.02 6.68
N TYR D 31 -0.88 8.95 5.93
CA TYR D 31 -0.03 9.91 5.22
C TYR D 31 -0.26 11.32 5.73
N MET D 32 0.83 12.08 5.82
CA MET D 32 0.81 13.44 6.34
C MET D 32 1.75 14.29 5.51
N GLY D 33 1.25 15.42 5.01
CA GLY D 33 2.05 16.26 4.14
C GLY D 33 3.21 16.92 4.88
N LYS D 34 4.18 17.36 4.08
CA LYS D 34 5.35 18.05 4.64
C LYS D 34 4.97 19.43 5.16
N ASP D 35 4.35 20.24 4.33
CA ASP D 35 3.93 21.58 4.69
C ASP D 35 2.43 21.70 4.43
N LYS D 36 1.90 22.90 4.65
CA LYS D 36 0.47 23.12 4.45
C LYS D 36 0.08 23.25 2.99
N TYR D 37 1.03 23.58 2.12
CA TYR D 37 0.72 23.65 0.68
C TYR D 37 0.60 22.26 0.08
N GLU D 38 1.59 21.41 0.36
CA GLU D 38 1.46 20.00 0.02
C GLU D 38 0.19 19.41 0.62
N ASN D 39 -0.21 19.88 1.80
CA ASN D 39 -1.47 19.44 2.37
C ASN D 39 -2.65 19.91 1.54
N GLU D 40 -2.58 21.10 0.95
CA GLU D 40 -3.60 21.48 -0.03
C GLU D 40 -3.64 20.48 -1.17
N ASP D 41 -2.47 20.03 -1.62
CA ASP D 41 -2.43 19.00 -2.67
C ASP D 41 -3.09 17.71 -2.19
N LEU D 42 -2.91 17.37 -0.90
CA LEU D 42 -3.56 16.18 -0.36
C LEU D 42 -5.07 16.35 -0.32
N ILE D 43 -5.54 17.54 0.06
CA ILE D 43 -6.98 17.80 0.12
C ILE D 43 -7.60 17.68 -1.26
N LYS D 44 -6.89 18.18 -2.29
CA LYS D 44 -7.46 18.17 -3.63
C LYS D 44 -7.66 16.75 -4.14
N HIS D 45 -6.64 15.90 -4.02
CA HIS D 45 -6.64 14.57 -4.61
C HIS D 45 -7.00 13.45 -3.64
N GLY D 46 -7.41 13.79 -2.41
CA GLY D 46 -7.73 12.77 -1.42
C GLY D 46 -8.71 11.72 -1.89
N TRP D 47 -8.56 10.45 -1.38
CA TRP D 47 -9.39 9.34 -1.83
C TRP D 47 -10.66 9.22 -1.00
N PRO D 48 -11.71 8.64 -1.59
CA PRO D 48 -12.94 8.39 -0.80
C PRO D 48 -12.74 7.45 0.37
N GLU D 49 -11.68 6.64 0.37
CA GLU D 49 -11.39 5.79 1.51
C GLU D 49 -10.57 6.50 2.58
N ASP D 50 -10.23 7.77 2.38
CA ASP D 50 -9.40 8.50 3.32
C ASP D 50 -10.24 9.14 4.41
N ILE D 51 -9.71 9.10 5.63
CA ILE D 51 -10.29 9.77 6.78
C ILE D 51 -9.32 10.86 7.23
N TRP D 52 -9.82 12.10 7.25
CA TRP D 52 -9.03 13.27 7.59
C TRP D 52 -9.05 13.50 9.09
N PHE D 53 -7.87 13.82 9.63
CA PHE D 53 -7.63 14.01 11.05
C PHE D 53 -6.97 15.35 11.31
N HIS D 54 -7.45 16.06 12.32
CA HIS D 54 -6.87 17.33 12.73
C HIS D 54 -7.22 17.57 14.19
N VAL D 55 -6.42 18.40 14.86
CA VAL D 55 -6.68 18.76 16.24
C VAL D 55 -7.80 19.80 16.28
N ASP D 56 -8.75 19.61 17.19
CA ASP D 56 -9.93 20.45 17.22
C ASP D 56 -9.61 21.82 17.80
N LYS D 57 -10.00 22.87 17.07
CA LYS D 57 -9.96 24.27 17.49
C LYS D 57 -8.55 24.80 17.69
N LEU D 58 -7.52 23.97 17.51
CA LEU D 58 -6.14 24.42 17.52
C LEU D 58 -5.53 24.25 16.14
N SER D 59 -4.27 24.63 16.01
CA SER D 59 -3.54 24.48 14.76
C SER D 59 -2.66 23.24 14.84
N SER D 60 -2.70 22.42 13.80
CA SER D 60 -1.94 21.18 13.78
C SER D 60 -1.74 20.74 12.35
N ALA D 61 -1.03 19.63 12.19
CA ALA D 61 -0.93 18.99 10.89
C ALA D 61 -2.26 18.32 10.54
N HIS D 62 -2.43 18.04 9.25
CA HIS D 62 -3.58 17.30 8.76
C HIS D 62 -3.11 15.89 8.44
N VAL D 63 -3.53 14.91 9.25
CA VAL D 63 -3.07 13.54 9.14
C VAL D 63 -4.20 12.70 8.56
N TYR D 64 -3.90 11.96 7.49
CA TYR D 64 -4.91 11.19 6.78
C TYR D 64 -4.70 9.69 6.96
N LEU D 65 -5.81 8.96 7.00
CA LEU D 65 -5.81 7.51 7.18
C LEU D 65 -6.47 6.87 5.97
N ARG D 66 -5.76 5.95 5.32
CA ARG D 66 -6.26 5.27 4.13
C ARG D 66 -6.94 3.97 4.57
N LEU D 67 -8.26 3.93 4.44
CA LEU D 67 -9.04 2.76 4.78
C LEU D 67 -9.01 1.74 3.66
N HIS D 68 -9.22 0.47 4.02
CA HIS D 68 -9.37 -0.57 3.02
C HIS D 68 -10.63 -0.33 2.20
N LYS D 69 -10.62 -0.85 0.97
CA LYS D 69 -11.75 -0.64 0.06
C LYS D 69 -13.03 -1.17 0.69
N GLY D 70 -14.05 -0.31 0.72
CA GLY D 70 -15.31 -0.65 1.34
C GLY D 70 -15.39 -0.46 2.84
N GLU D 71 -14.25 -0.26 3.51
CA GLU D 71 -14.26 -0.04 4.94
C GLU D 71 -14.91 1.31 5.26
N ASN D 72 -15.60 1.35 6.39
CA ASN D 72 -16.38 2.52 6.80
C ASN D 72 -15.73 3.17 8.01
N ILE D 73 -15.93 4.49 8.12
CA ILE D 73 -15.30 5.27 9.19
C ILE D 73 -15.65 4.71 10.57
N GLU D 74 -16.84 4.12 10.71
CA GLU D 74 -17.21 3.49 11.97
C GLU D 74 -16.56 2.13 12.18
N ASP D 75 -15.91 1.57 11.15
CA ASP D 75 -15.26 0.27 11.27
C ASP D 75 -13.80 0.39 11.71
N ILE D 76 -13.32 1.59 11.97
CA ILE D 76 -11.89 1.78 12.26
C ILE D 76 -11.54 1.10 13.58
N PRO D 77 -10.50 0.27 13.63
CA PRO D 77 -10.04 -0.27 14.90
C PRO D 77 -9.54 0.86 15.81
N LYS D 78 -9.78 0.69 17.11
CA LYS D 78 -9.44 1.76 18.06
C LYS D 78 -7.95 2.01 18.12
N GLU D 79 -7.12 0.98 17.89
CA GLU D 79 -5.68 1.17 17.96
C GLU D 79 -5.19 2.05 16.80
N VAL D 80 -5.70 1.80 15.60
CA VAL D 80 -5.34 2.65 14.45
C VAL D 80 -5.85 4.07 14.67
N LEU D 81 -7.09 4.20 15.16
CA LEU D 81 -7.65 5.51 15.42
C LEU D 81 -6.79 6.29 16.42
N MET D 82 -6.41 5.66 17.53
CA MET D 82 -5.57 6.34 18.49
C MET D 82 -4.15 6.57 17.97
N ASP D 83 -3.71 5.76 17.00
CA ASP D 83 -2.43 6.06 16.36
C ASP D 83 -2.51 7.35 15.57
N CYS D 84 -3.54 7.48 14.73
CA CYS D 84 -3.70 8.72 13.97
C CYS D 84 -3.87 9.92 14.90
N ALA D 85 -4.70 9.79 15.94
CA ALA D 85 -4.91 10.90 16.85
C ALA D 85 -3.63 11.27 17.59
N HIS D 86 -2.85 10.26 17.98
CA HIS D 86 -1.53 10.55 18.54
C HIS D 86 -0.66 11.29 17.54
N LEU D 87 -0.83 10.99 16.25
CA LEU D 87 0.01 11.60 15.23
C LEU D 87 -0.34 13.07 15.00
N VAL D 88 -1.64 13.42 15.04
CA VAL D 88 -1.97 14.85 14.95
C VAL D 88 -1.57 15.56 16.23
N LYS D 89 -1.76 14.91 17.39
CA LYS D 89 -1.42 15.56 18.65
C LYS D 89 0.07 15.87 18.72
N ALA D 90 0.91 14.91 18.36
CA ALA D 90 2.36 15.13 18.40
C ALA D 90 2.79 16.21 17.42
N ASN D 91 2.08 16.37 16.31
CA ASN D 91 2.43 17.35 15.30
C ASN D 91 1.72 18.68 15.47
N SER D 92 0.95 18.85 16.54
CA SER D 92 0.31 20.13 16.81
C SER D 92 1.26 21.05 17.56
N ILE D 93 1.24 22.33 17.17
CA ILE D 93 2.11 23.32 17.81
C ILE D 93 1.75 23.45 19.30
N GLN D 94 0.49 23.77 19.58
CA GLN D 94 0.01 23.88 20.96
C GLN D 94 -0.52 22.57 21.52
N GLY D 95 -0.74 21.57 20.68
CA GLY D 95 -1.40 20.34 21.11
C GLY D 95 -0.48 19.28 21.69
N CYS D 96 0.78 19.26 21.27
CA CYS D 96 1.72 18.30 21.83
C CYS D 96 2.06 18.60 23.28
N LYS D 97 1.73 19.79 23.79
CA LYS D 97 2.07 20.19 25.14
C LYS D 97 0.98 19.91 26.16
N MET D 98 -0.22 19.50 25.76
CA MET D 98 -1.28 19.26 26.72
C MET D 98 -1.47 17.77 26.99
N ASN D 99 -2.26 17.46 28.02
CA ASN D 99 -2.53 16.07 28.37
C ASN D 99 -3.87 15.54 27.87
N ASN D 100 -4.80 16.41 27.47
CA ASN D 100 -6.09 15.99 26.94
C ASN D 100 -6.36 16.82 25.70
N VAL D 101 -6.40 16.17 24.53
CA VAL D 101 -6.51 16.89 23.27
C VAL D 101 -7.60 16.23 22.43
N ASN D 102 -8.65 16.98 22.13
CA ASN D 102 -9.69 16.49 21.25
C ASN D 102 -9.24 16.59 19.80
N VAL D 103 -9.53 15.53 19.03
CA VAL D 103 -9.12 15.41 17.64
C VAL D 103 -10.36 15.12 16.81
N VAL D 104 -10.63 15.98 15.84
CA VAL D 104 -11.74 15.79 14.92
C VAL D 104 -11.25 15.00 13.71
N TYR D 105 -12.10 14.11 13.22
CA TYR D 105 -11.83 13.36 12.00
C TYR D 105 -13.13 13.16 11.23
N THR D 106 -13.05 13.31 9.91
CA THR D 106 -14.22 13.15 9.05
C THR D 106 -13.73 12.58 7.72
N PRO D 107 -14.58 11.87 6.98
CA PRO D 107 -14.16 11.37 5.67
C PRO D 107 -13.72 12.51 4.76
N TRP D 108 -12.74 12.22 3.90
CA TRP D 108 -12.25 13.22 2.96
C TRP D 108 -13.38 13.75 2.07
N SER D 109 -14.35 12.90 1.74
CA SER D 109 -15.48 13.35 0.93
C SER D 109 -16.27 14.46 1.60
N ASN D 110 -16.14 14.60 2.92
CA ASN D 110 -16.83 15.65 3.66
C ASN D 110 -16.09 16.98 3.66
N LEU D 111 -14.82 17.00 3.27
CA LEU D 111 -14.06 18.24 3.29
C LEU D 111 -14.54 19.18 2.20
N LYS D 112 -14.71 20.46 2.55
CA LYS D 112 -15.13 21.48 1.61
C LYS D 112 -14.13 22.64 1.68
N LYS D 113 -13.63 23.06 0.51
CA LYS D 113 -12.64 24.13 0.42
C LYS D 113 -13.21 25.26 -0.41
N THR D 114 -13.51 26.38 0.24
CA THR D 114 -13.94 27.59 -0.45
C THR D 114 -12.71 28.40 -0.88
N ALA D 115 -12.84 29.08 -2.02
CA ALA D 115 -11.81 30.02 -2.44
C ALA D 115 -11.59 31.11 -1.40
N ASP D 116 -12.57 31.34 -0.53
CA ASP D 116 -12.39 32.30 0.56
C ASP D 116 -11.42 31.79 1.61
N MET D 117 -11.34 30.46 1.77
CA MET D 117 -10.51 29.87 2.82
C MET D 117 -9.03 30.11 2.54
N ASP D 118 -8.24 30.02 3.60
CA ASP D 118 -6.79 30.24 3.55
C ASP D 118 -6.06 28.93 3.78
N VAL D 119 -4.83 28.87 3.25
CA VAL D 119 -4.05 27.63 3.27
C VAL D 119 -3.99 27.07 4.67
N GLY D 120 -4.32 25.79 4.81
CA GLY D 120 -4.39 25.14 6.10
C GLY D 120 -5.77 25.12 6.74
N GLN D 121 -6.77 25.71 6.10
CA GLN D 121 -8.13 25.72 6.60
C GLN D 121 -9.02 24.90 5.67
N ILE D 122 -9.98 24.19 6.24
CA ILE D 122 -10.86 23.33 5.47
C ILE D 122 -12.23 23.30 6.14
N GLY D 123 -13.29 23.24 5.32
CA GLY D 123 -14.64 23.15 5.81
C GLY D 123 -15.23 21.77 5.65
N PHE D 124 -16.52 21.67 5.98
CA PHE D 124 -17.25 20.41 5.93
C PHE D 124 -18.58 20.61 5.21
N HIS D 125 -18.90 19.70 4.30
CA HIS D 125 -20.21 19.75 3.65
C HIS D 125 -21.32 19.46 4.64
N ARG D 126 -21.08 18.53 5.57
CA ARG D 126 -22.07 18.07 6.52
C ARG D 126 -21.44 18.03 7.90
N GLN D 127 -22.08 18.68 8.88
CA GLN D 127 -21.59 18.63 10.24
C GLN D 127 -21.81 17.28 10.89
N LYS D 128 -22.80 16.51 10.41
CA LYS D 128 -23.10 15.21 10.99
C LYS D 128 -21.99 14.19 10.76
N ASP D 129 -21.12 14.42 9.79
CA ASP D 129 -20.06 13.47 9.45
C ASP D 129 -18.74 13.75 10.17
N VAL D 130 -18.67 14.82 10.94
CA VAL D 130 -17.46 15.14 11.72
C VAL D 130 -17.54 14.42 13.05
N LYS D 131 -16.43 13.80 13.45
CA LYS D 131 -16.37 13.04 14.69
C LYS D 131 -15.20 13.53 15.53
N ILE D 132 -15.21 13.15 16.82
CA ILE D 132 -14.23 13.60 17.78
C ILE D 132 -13.75 12.42 18.61
N VAL D 133 -12.45 12.38 18.90
CA VAL D 133 -11.86 11.39 19.79
C VAL D 133 -10.79 12.09 20.63
N THR D 134 -10.77 11.79 21.92
CA THR D 134 -9.91 12.51 22.86
C THR D 134 -8.65 11.70 23.14
N VAL D 135 -7.50 12.36 23.06
CA VAL D 135 -6.21 11.79 23.41
C VAL D 135 -5.86 12.22 24.82
N GLU D 136 -5.71 11.25 25.71
CA GLU D 136 -5.31 11.51 27.09
C GLU D 136 -3.83 11.25 27.25
N LYS D 137 -3.17 12.12 27.99
CA LYS D 137 -1.73 12.08 28.28
C LYS D 137 -0.97 12.02 26.94
N LYS D 138 0.13 11.28 26.87
CA LYS D 138 0.95 11.16 25.68
C LYS D 138 1.73 9.86 25.78
N VAL D 139 1.96 9.22 24.62
CA VAL D 139 2.67 7.94 24.58
C VAL D 139 3.86 8.08 23.65
N ASN D 140 5.06 7.80 24.16
CA ASN D 140 6.24 7.79 23.30
C ASN D 140 6.36 6.49 22.51
N GLU D 141 5.81 5.39 23.02
CA GLU D 141 5.95 4.12 22.31
C GLU D 141 5.16 4.12 21.00
N ILE D 142 3.97 4.74 21.00
CA ILE D 142 3.20 4.88 19.77
C ILE D 142 3.98 5.74 18.77
N LEU D 143 4.48 6.89 19.23
CA LEU D 143 5.15 7.82 18.33
C LEU D 143 6.41 7.19 17.73
N ASN D 144 7.22 6.53 18.56
CA ASN D 144 8.45 5.94 18.03
C ASN D 144 8.15 4.74 17.14
N ARG D 145 7.17 3.93 17.53
CA ARG D 145 6.77 2.80 16.69
C ARG D 145 6.36 3.28 15.29
N LEU D 146 5.48 4.28 15.24
CA LEU D 146 5.10 4.86 13.94
C LEU D 146 6.28 5.51 13.25
N GLU D 147 7.23 6.04 14.03
CA GLU D 147 8.38 6.70 13.42
C GLU D 147 9.28 5.70 12.71
N LYS D 148 9.40 4.48 13.24
CA LYS D 148 10.22 3.47 12.58
C LYS D 148 9.64 3.07 11.22
N THR D 149 8.35 3.29 10.98
CA THR D 149 7.74 3.01 9.69
C THR D 149 7.68 4.22 8.79
N LYS D 150 8.14 5.39 9.26
CA LYS D 150 8.06 6.61 8.46
C LYS D 150 8.91 6.47 7.20
N VAL D 151 8.38 6.98 6.10
CA VAL D 151 9.08 6.98 4.82
C VAL D 151 8.64 8.20 4.04
N GLU D 152 9.58 8.80 3.31
CA GLU D 152 9.30 10.00 2.52
C GLU D 152 9.02 9.62 1.08
N ARG D 153 8.00 10.22 0.49
CA ARG D 153 7.60 9.93 -0.88
C ARG D 153 7.27 11.22 -1.62
N PHE D 154 7.39 11.17 -2.94
CA PHE D 154 7.04 12.29 -3.81
C PHE D 154 6.02 11.80 -4.83
N PRO D 155 4.80 11.52 -4.40
CA PRO D 155 3.83 10.86 -5.27
C PRO D 155 3.22 11.82 -6.27
N ASP D 156 2.64 11.23 -7.30
CA ASP D 156 1.75 11.93 -8.23
C ASP D 156 0.35 11.58 -7.79
N LEU D 157 -0.33 12.53 -7.15
CA LEU D 157 -1.55 12.18 -6.45
C LEU D 157 -2.73 12.04 -7.41
N ALA D 158 -2.79 12.89 -8.43
CA ALA D 158 -3.86 12.77 -9.42
C ALA D 158 -3.77 11.45 -10.16
N ALA D 159 -2.55 11.01 -10.50
CA ALA D 159 -2.38 9.74 -11.19
C ALA D 159 -2.73 8.57 -10.27
N GLU D 160 -2.41 8.69 -8.98
CA GLU D 160 -2.70 7.61 -8.05
C GLU D 160 -4.20 7.47 -7.81
N LYS D 161 -4.88 8.59 -7.57
CA LYS D 161 -6.34 8.53 -7.46
C LYS D 161 -6.97 8.05 -8.75
N GLU D 162 -6.35 8.38 -9.90
CA GLU D 162 -6.82 7.85 -11.17
C GLU D 162 -6.70 6.33 -11.21
N CYS D 163 -5.60 5.79 -10.68
CA CYS D 163 -5.47 4.34 -10.58
C CYS D 163 -6.58 3.76 -9.72
N ARG D 164 -6.81 4.35 -8.54
CA ARG D 164 -7.86 3.86 -7.66
C ARG D 164 -9.21 3.84 -8.38
N ASP D 165 -9.53 4.92 -9.09
CA ASP D 165 -10.80 5.01 -9.79
C ASP D 165 -10.87 4.01 -10.94
N ARG D 166 -9.75 3.74 -11.61
CA ARG D 166 -9.75 2.71 -12.65
C ARG D 166 -10.02 1.34 -12.04
N GLU D 167 -9.44 1.06 -10.87
CA GLU D 167 -9.73 -0.20 -10.19
C GLU D 167 -11.22 -0.30 -9.86
N GLU D 168 -11.81 0.79 -9.35
CA GLU D 168 -13.23 0.77 -9.07
C GLU D 168 -14.05 0.52 -10.33
N ARG D 169 -13.69 1.19 -11.43
CA ARG D 169 -14.39 0.99 -12.69
C ARG D 169 -14.32 -0.47 -13.14
N ASN D 170 -13.12 -1.04 -13.15
CA ASN D 170 -12.98 -2.44 -13.55
C ASN D 170 -13.80 -3.35 -12.67
N GLU D 171 -13.82 -3.08 -11.36
CA GLU D 171 -14.59 -3.89 -10.43
C GLU D 171 -16.08 -3.84 -10.79
N LYS D 172 -16.60 -2.63 -11.02
CA LYS D 172 -18.02 -2.51 -11.37
C LYS D 172 -18.33 -3.19 -12.70
N LYS D 173 -17.39 -3.12 -13.66
CA LYS D 173 -17.61 -3.76 -14.94
C LYS D 173 -17.71 -5.27 -14.79
N ALA D 174 -16.76 -5.87 -14.05
CA ALA D 174 -16.83 -7.30 -13.80
C ALA D 174 -18.10 -7.67 -13.05
N GLN D 175 -18.54 -6.80 -12.14
CA GLN D 175 -19.77 -7.06 -11.39
C GLN D 175 -20.98 -7.13 -12.32
N ILE D 176 -21.19 -6.09 -13.14
CA ILE D 176 -22.37 -6.08 -13.99
C ILE D 176 -22.28 -7.17 -15.07
N GLN D 177 -21.06 -7.58 -15.43
CA GLN D 177 -20.91 -8.74 -16.28
C GLN D 177 -21.43 -9.99 -15.59
N GLU D 178 -21.05 -10.17 -14.32
CA GLU D 178 -21.53 -11.32 -13.55
C GLU D 178 -23.05 -11.31 -13.44
N MET D 179 -23.65 -10.13 -13.22
CA MET D 179 -25.10 -10.06 -13.16
C MET D 179 -25.74 -10.36 -14.52
N LYS D 180 -25.10 -9.91 -15.61
CA LYS D 180 -25.62 -10.20 -16.94
C LYS D 180 -25.67 -11.69 -17.20
N LYS D 181 -24.56 -12.38 -16.97
CA LYS D 181 -24.55 -13.83 -17.13
C LYS D 181 -25.55 -14.50 -16.18
N ARG D 182 -25.66 -13.98 -14.96
CA ARG D 182 -26.55 -14.57 -13.96
C ARG D 182 -28.00 -14.52 -14.41
N GLU D 183 -28.48 -13.32 -14.77
CA GLU D 183 -29.88 -13.20 -15.19
C GLU D 183 -30.11 -13.87 -16.54
N LYS D 184 -29.08 -13.96 -17.38
CA LYS D 184 -29.20 -14.77 -18.60
C LYS D 184 -29.54 -16.21 -18.27
N GLU D 185 -28.63 -16.88 -17.55
CA GLU D 185 -28.87 -18.28 -17.18
C GLU D 185 -30.20 -18.43 -16.43
N GLU D 186 -30.55 -17.45 -15.60
CA GLU D 186 -31.82 -17.51 -14.89
C GLU D 186 -33.01 -17.49 -15.85
N MET D 187 -32.96 -16.62 -16.86
CA MET D 187 -34.05 -16.60 -17.85
C MET D 187 -34.11 -17.91 -18.62
N LYS D 188 -32.95 -18.51 -18.89
CA LYS D 188 -32.96 -19.82 -19.58
C LYS D 188 -33.65 -20.87 -18.72
N LYS D 189 -33.28 -20.95 -17.44
CA LYS D 189 -33.87 -21.93 -16.53
C LYS D 189 -35.37 -21.72 -16.39
N LYS D 190 -35.77 -20.52 -15.97
CA LYS D 190 -37.19 -20.24 -15.77
C LYS D 190 -37.97 -20.29 -17.07
N ARG D 191 -37.29 -20.22 -18.22
CA ARG D 191 -37.95 -20.45 -19.50
C ARG D 191 -38.25 -21.92 -19.72
N GLU D 192 -37.20 -22.74 -19.79
CA GLU D 192 -37.34 -24.13 -20.19
C GLU D 192 -37.80 -25.05 -19.06
N MET D 193 -37.98 -24.53 -17.86
CA MET D 193 -38.44 -25.34 -16.73
C MET D 193 -39.87 -24.99 -16.35
#